data_7K3Y
# 
_entry.id   7K3Y 
# 
_audit_conform.dict_name       mmcif_pdbx.dic 
_audit_conform.dict_version    5.389 
_audit_conform.dict_location   http://mmcif.pdb.org/dictionaries/ascii/mmcif_pdbx.dic 
# 
loop_
_database_2.database_id 
_database_2.database_code 
_database_2.pdbx_database_accession 
_database_2.pdbx_DOI 
PDB   7K3Y         pdb_00007k3y 10.2210/pdb7k3y/pdb 
WWPDB D_1000251834 ?            ?                   
# 
loop_
_pdbx_audit_revision_history.ordinal 
_pdbx_audit_revision_history.data_content_type 
_pdbx_audit_revision_history.major_revision 
_pdbx_audit_revision_history.minor_revision 
_pdbx_audit_revision_history.revision_date 
1 'Structure model' 1 0 2021-11-10 
2 'Structure model' 1 1 2022-06-01 
3 'Structure model' 1 2 2022-06-15 
4 'Structure model' 1 3 2022-07-06 
5 'Structure model' 1 4 2024-04-03 
# 
_pdbx_audit_revision_details.ordinal             1 
_pdbx_audit_revision_details.revision_ordinal    1 
_pdbx_audit_revision_details.data_content_type   'Structure model' 
_pdbx_audit_revision_details.provider            repository 
_pdbx_audit_revision_details.type                'Initial release' 
_pdbx_audit_revision_details.description         ? 
_pdbx_audit_revision_details.details             ? 
# 
loop_
_pdbx_audit_revision_group.ordinal 
_pdbx_audit_revision_group.revision_ordinal 
_pdbx_audit_revision_group.data_content_type 
_pdbx_audit_revision_group.group 
1 2 'Structure model' 'Database references'    
2 3 'Structure model' 'Database references'    
3 4 'Structure model' 'Database references'    
4 5 'Structure model' 'Data collection'        
5 5 'Structure model' 'Refinement description' 
# 
loop_
_pdbx_audit_revision_category.ordinal 
_pdbx_audit_revision_category.revision_ordinal 
_pdbx_audit_revision_category.data_content_type 
_pdbx_audit_revision_category.category 
1 2 'Structure model' citation                      
2 2 'Structure model' citation_author               
3 3 'Structure model' citation                      
4 3 'Structure model' citation_author               
5 4 'Structure model' citation                      
6 5 'Structure model' chem_comp_atom                
7 5 'Structure model' chem_comp_bond                
8 5 'Structure model' pdbx_initial_refinement_model 
# 
loop_
_pdbx_audit_revision_item.ordinal 
_pdbx_audit_revision_item.revision_ordinal 
_pdbx_audit_revision_item.data_content_type 
_pdbx_audit_revision_item.item 
1  2 'Structure model' '_citation.country'                 
2  2 'Structure model' '_citation.journal_abbrev'          
3  2 'Structure model' '_citation.journal_id_CSD'          
4  2 'Structure model' '_citation.journal_id_ISSN'         
5  2 'Structure model' '_citation.pdbx_database_id_DOI'    
6  2 'Structure model' '_citation.year'                    
7  3 'Structure model' '_citation.pdbx_database_id_PubMed' 
8  3 'Structure model' '_citation.title'                   
9  3 'Structure model' '_citation_author.identifier_ORCID' 
10 3 'Structure model' '_citation_author.name'             
11 4 'Structure model' '_citation.journal_volume'          
12 4 'Structure model' '_citation.page_first'              
13 4 'Structure model' '_citation.page_last'               
# 
_pdbx_database_status.status_code                     REL 
_pdbx_database_status.status_code_sf                  REL 
_pdbx_database_status.status_code_mr                  ? 
_pdbx_database_status.entry_id                        7K3Y 
_pdbx_database_status.recvd_initial_deposition_date   2020-09-14 
_pdbx_database_status.SG_entry                        N 
_pdbx_database_status.deposit_site                    RCSB 
_pdbx_database_status.process_site                    RCSB 
_pdbx_database_status.status_code_cs                  ? 
_pdbx_database_status.status_code_nmr_data            ? 
_pdbx_database_status.methods_development_category    ? 
_pdbx_database_status.pdb_format_compatible           Y 
# 
_pdbx_database_related.db_name        PDB 
_pdbx_database_related.details        '7K3C is another segment from keratin-8' 
_pdbx_database_related.db_id          7K3C 
_pdbx_database_related.content_type   unspecified 
# 
loop_
_audit_author.name 
_audit_author.pdbx_ordinal 
_audit_author.identifier_ORCID 
'Murray, K.A.'    1 0000-0003-1969-7701 
'Sawaya, M.R.'    2 0000-0003-0874-9043 
'Eisenberg, D.S.' 3 0000-0003-2432-5419 
# 
_citation.abstract                  ? 
_citation.abstract_id_CAS           ? 
_citation.book_id_ISBN              ? 
_citation.book_publisher            ? 
_citation.book_publisher_city       ? 
_citation.book_title                ? 
_citation.coordinate_linkage        ? 
_citation.country                   US 
_citation.database_id_Medline       ? 
_citation.details                   ? 
_citation.id                        primary 
_citation.journal_abbrev            Nat.Struct.Mol.Biol. 
_citation.journal_id_ASTM           ? 
_citation.journal_id_CSD            ? 
_citation.journal_id_ISSN           1545-9985 
_citation.journal_full              ? 
_citation.journal_issue             ? 
_citation.journal_volume            29 
_citation.language                  ? 
_citation.page_first                529 
_citation.page_last                 536 
_citation.title                     
'Identifying amyloid-related diseases by mapping mutations in low-complexity protein domains to pathologies.' 
_citation.year                      2022 
_citation.database_id_CSD           ? 
_citation.pdbx_database_id_DOI      10.1038/s41594-022-00774-y 
_citation.pdbx_database_id_PubMed   35637421 
_citation.unpublished_flag          ? 
# 
loop_
_citation_author.citation_id 
_citation_author.name 
_citation_author.ordinal 
_citation_author.identifier_ORCID 
primary 'Murray, K.A.'    1 ? 
primary 'Hughes, M.P.'    2 ? 
primary 'Hu, C.J.'        3 ? 
primary 'Sawaya, M.R.'    4 ? 
primary 'Salwinski, L.'   5 ? 
primary 'Pan, H.'         6 ? 
primary 'French, S.W.'    7 ? 
primary 'Seidler, P.M.'   8 ? 
primary 'Eisenberg, D.S.' 9 ? 
# 
loop_
_entity.id 
_entity.type 
_entity.src_method 
_entity.pdbx_description 
_entity.formula_weight 
_entity.pdbx_number_of_molecules 
_entity.pdbx_ec 
_entity.pdbx_mutation 
_entity.pdbx_fragment 
_entity.details 
1 polymer syn 'GGYAGAS segment 52-58 from the low complexity domain of Keratin-8' 581.578 2 ? ? GGYAGAS ? 
2 water   nat water                                                               18.015  7 ? ? ?       ? 
# 
_entity_poly.entity_id                      1 
_entity_poly.type                           'polypeptide(L)' 
_entity_poly.nstd_linkage                   no 
_entity_poly.nstd_monomer                   no 
_entity_poly.pdbx_seq_one_letter_code       GGYAGAS 
_entity_poly.pdbx_seq_one_letter_code_can   GGYAGAS 
_entity_poly.pdbx_strand_id                 A,B 
_entity_poly.pdbx_target_identifier         ? 
# 
_pdbx_entity_nonpoly.entity_id   2 
_pdbx_entity_nonpoly.name        water 
_pdbx_entity_nonpoly.comp_id     HOH 
# 
loop_
_entity_poly_seq.entity_id 
_entity_poly_seq.num 
_entity_poly_seq.mon_id 
_entity_poly_seq.hetero 
1 1 GLY n 
1 2 GLY n 
1 3 TYR n 
1 4 ALA n 
1 5 GLY n 
1 6 ALA n 
1 7 SER n 
# 
_pdbx_entity_src_syn.entity_id              1 
_pdbx_entity_src_syn.pdbx_src_id            1 
_pdbx_entity_src_syn.pdbx_alt_source_flag   sample 
_pdbx_entity_src_syn.pdbx_beg_seq_num       1 
_pdbx_entity_src_syn.pdbx_end_seq_num       7 
_pdbx_entity_src_syn.organism_scientific    'Homo sapiens' 
_pdbx_entity_src_syn.organism_common_name   ? 
_pdbx_entity_src_syn.ncbi_taxonomy_id       9606 
_pdbx_entity_src_syn.details                ? 
# 
loop_
_chem_comp.id 
_chem_comp.type 
_chem_comp.mon_nstd_flag 
_chem_comp.name 
_chem_comp.pdbx_synonyms 
_chem_comp.formula 
_chem_comp.formula_weight 
ALA 'L-peptide linking' y ALANINE  ? 'C3 H7 N O2'  89.093  
GLY 'peptide linking'   y GLYCINE  ? 'C2 H5 N O2'  75.067  
HOH non-polymer         . WATER    ? 'H2 O'        18.015  
SER 'L-peptide linking' y SERINE   ? 'C3 H7 N O3'  105.093 
TYR 'L-peptide linking' y TYROSINE ? 'C9 H11 N O3' 181.189 
# 
loop_
_pdbx_poly_seq_scheme.asym_id 
_pdbx_poly_seq_scheme.entity_id 
_pdbx_poly_seq_scheme.seq_id 
_pdbx_poly_seq_scheme.mon_id 
_pdbx_poly_seq_scheme.ndb_seq_num 
_pdbx_poly_seq_scheme.pdb_seq_num 
_pdbx_poly_seq_scheme.auth_seq_num 
_pdbx_poly_seq_scheme.pdb_mon_id 
_pdbx_poly_seq_scheme.auth_mon_id 
_pdbx_poly_seq_scheme.pdb_strand_id 
_pdbx_poly_seq_scheme.pdb_ins_code 
_pdbx_poly_seq_scheme.hetero 
A 1 1 GLY 1 52 52 GLY GLY A . n 
A 1 2 GLY 2 53 53 GLY GLY A . n 
A 1 3 TYR 3 54 54 TYR TYR A . n 
A 1 4 ALA 4 55 55 ALA ALA A . n 
A 1 5 GLY 5 56 56 GLY GLY A . n 
A 1 6 ALA 6 57 57 ALA ALA A . n 
A 1 7 SER 7 58 58 SER SER A . n 
B 1 1 GLY 1 52 52 GLY GLY B . n 
B 1 2 GLY 2 53 53 GLY GLY B . n 
B 1 3 TYR 3 54 54 TYR TYR B . n 
B 1 4 ALA 4 55 55 ALA ALA B . n 
B 1 5 GLY 5 56 56 GLY GLY B . n 
B 1 6 ALA 6 57 57 ALA ALA B . n 
B 1 7 SER 7 58 58 SER SER B . n 
# 
loop_
_pdbx_nonpoly_scheme.asym_id 
_pdbx_nonpoly_scheme.entity_id 
_pdbx_nonpoly_scheme.mon_id 
_pdbx_nonpoly_scheme.ndb_seq_num 
_pdbx_nonpoly_scheme.pdb_seq_num 
_pdbx_nonpoly_scheme.auth_seq_num 
_pdbx_nonpoly_scheme.pdb_mon_id 
_pdbx_nonpoly_scheme.auth_mon_id 
_pdbx_nonpoly_scheme.pdb_strand_id 
_pdbx_nonpoly_scheme.pdb_ins_code 
C 2 HOH 1 101 1 HOH HOH A . 
C 2 HOH 2 102 3 HOH HOH A . 
D 2 HOH 1 101 5 HOH HOH B . 
D 2 HOH 2 102 6 HOH HOH B . 
D 2 HOH 3 103 2 HOH HOH B . 
D 2 HOH 4 104 4 HOH HOH B . 
D 2 HOH 5 105 7 HOH HOH B . 
# 
loop_
_software.citation_id 
_software.classification 
_software.compiler_name 
_software.compiler_version 
_software.contact_author 
_software.contact_author_email 
_software.date 
_software.description 
_software.dependencies 
_software.hardware 
_software.language 
_software.location 
_software.mods 
_software.name 
_software.os 
_software.os_version 
_software.type 
_software.version 
_software.pdbx_ordinal 
? refinement        ? ? ? ? ? ? ? ? ? ? ? PHENIX      ? ? ? 1.18.2   1 
? 'data reduction'  ? ? ? ? ? ? ? ? ? ? ? XDS         ? ? ? 20180409 2 
? 'data scaling'    ? ? ? ? ? ? ? ? ? ? ? XSCALE      ? ? ? 20180409 3 
? phasing           ? ? ? ? ? ? ? ? ? ? ? PHASER      ? ? ? 2.8.2    4 
? 'data extraction' ? ? ? ? ? ? ? ? ? ? ? PDB_EXTRACT ? ? ? 3.25     5 
# 
_cell.angle_alpha                  88.850 
_cell.angle_alpha_esd              ? 
_cell.angle_beta                   76.320 
_cell.angle_beta_esd               ? 
_cell.angle_gamma                  74.060 
_cell.angle_gamma_esd              ? 
_cell.entry_id                     7K3Y 
_cell.details                      ? 
_cell.formula_units_Z              ? 
_cell.length_a                     9.430 
_cell.length_a_esd                 ? 
_cell.length_b                     10.490 
_cell.length_b_esd                 ? 
_cell.length_c                     16.630 
_cell.length_c_esd                 ? 
_cell.volume                       1535.138 
_cell.volume_esd                   ? 
_cell.Z_PDB                        2 
_cell.reciprocal_angle_alpha       ? 
_cell.reciprocal_angle_beta        ? 
_cell.reciprocal_angle_gamma       ? 
_cell.reciprocal_angle_alpha_esd   ? 
_cell.reciprocal_angle_beta_esd    ? 
_cell.reciprocal_angle_gamma_esd   ? 
_cell.reciprocal_length_a          ? 
_cell.reciprocal_length_b          ? 
_cell.reciprocal_length_c          ? 
_cell.reciprocal_length_a_esd      ? 
_cell.reciprocal_length_b_esd      ? 
_cell.reciprocal_length_c_esd      ? 
_cell.pdbx_unique_axis             ? 
# 
_symmetry.entry_id                         7K3Y 
_symmetry.cell_setting                     ? 
_symmetry.Int_Tables_number                1 
_symmetry.space_group_name_Hall            'P 1' 
_symmetry.space_group_name_H-M             'P 1' 
_symmetry.pdbx_full_space_group_name_H-M   ? 
# 
_exptl.absorpt_coefficient_mu     ? 
_exptl.absorpt_correction_T_max   ? 
_exptl.absorpt_correction_T_min   ? 
_exptl.absorpt_correction_type    ? 
_exptl.absorpt_process_details    ? 
_exptl.entry_id                   7K3Y 
_exptl.crystals_number            1 
_exptl.details                    ? 
_exptl.method                     'X-RAY DIFFRACTION' 
_exptl.method_details             ? 
# 
_exptl_crystal.colour                      ? 
_exptl_crystal.density_diffrn              ? 
_exptl_crystal.density_Matthews            ? 
_exptl_crystal.density_method              ? 
_exptl_crystal.density_percent_sol         ? 
_exptl_crystal.description                 ? 
_exptl_crystal.F_000                       ? 
_exptl_crystal.id                          1 
_exptl_crystal.preparation                 ? 
_exptl_crystal.size_max                    ? 
_exptl_crystal.size_mid                    ? 
_exptl_crystal.size_min                    ? 
_exptl_crystal.size_rad                    ? 
_exptl_crystal.colour_lustre               ? 
_exptl_crystal.colour_modifier             ? 
_exptl_crystal.colour_primary              ? 
_exptl_crystal.density_meas                ? 
_exptl_crystal.density_meas_esd            ? 
_exptl_crystal.density_meas_gt             ? 
_exptl_crystal.density_meas_lt             ? 
_exptl_crystal.density_meas_temp           ? 
_exptl_crystal.density_meas_temp_esd       ? 
_exptl_crystal.density_meas_temp_gt        ? 
_exptl_crystal.density_meas_temp_lt        ? 
_exptl_crystal.pdbx_crystal_image_url      ? 
_exptl_crystal.pdbx_crystal_image_format   ? 
_exptl_crystal.pdbx_mosaicity              ? 
_exptl_crystal.pdbx_mosaicity_esd          ? 
# 
_exptl_crystal_grow.apparatus       ? 
_exptl_crystal_grow.atmosphere      ? 
_exptl_crystal_grow.crystal_id      1 
_exptl_crystal_grow.details         ? 
_exptl_crystal_grow.method          'VAPOR DIFFUSION, HANGING DROP' 
_exptl_crystal_grow.method_ref      ? 
_exptl_crystal_grow.pH              4.5 
_exptl_crystal_grow.pressure        ? 
_exptl_crystal_grow.pressure_esd    ? 
_exptl_crystal_grow.seeding         ? 
_exptl_crystal_grow.seeding_ref     ? 
_exptl_crystal_grow.temp            298 
_exptl_crystal_grow.temp_details    ? 
_exptl_crystal_grow.temp_esd        ? 
_exptl_crystal_grow.time            ? 
_exptl_crystal_grow.pdbx_details    '2.5M sodium chloride, 100mM sodium acetate/acetic acid (pH 4.5), 0.2M lithium sulfate' 
_exptl_crystal_grow.pdbx_pH_range   ? 
# 
_diffrn.ambient_environment              ? 
_diffrn.ambient_temp                     100 
_diffrn.ambient_temp_details             ? 
_diffrn.ambient_temp_esd                 ? 
_diffrn.crystal_id                       1 
_diffrn.crystal_support                  ? 
_diffrn.crystal_treatment                ? 
_diffrn.details                          ? 
_diffrn.id                               1 
_diffrn.ambient_pressure                 ? 
_diffrn.ambient_pressure_esd             ? 
_diffrn.ambient_pressure_gt              ? 
_diffrn.ambient_pressure_lt              ? 
_diffrn.ambient_temp_gt                  ? 
_diffrn.ambient_temp_lt                  ? 
_diffrn.pdbx_serial_crystal_experiment   N 
# 
_diffrn_detector.details                      ? 
_diffrn_detector.detector                     PIXEL 
_diffrn_detector.diffrn_id                    1 
_diffrn_detector.type                         'DECTRIS EIGER X 16M' 
_diffrn_detector.area_resol_mean              ? 
_diffrn_detector.dtime                        ? 
_diffrn_detector.pdbx_frames_total            ? 
_diffrn_detector.pdbx_collection_time_total   ? 
_diffrn_detector.pdbx_collection_date         2018-11-06 
_diffrn_detector.pdbx_frequency               ? 
# 
_diffrn_radiation.collimation                      ? 
_diffrn_radiation.diffrn_id                        1 
_diffrn_radiation.filter_edge                      ? 
_diffrn_radiation.inhomogeneity                    ? 
_diffrn_radiation.monochromator                    ? 
_diffrn_radiation.polarisn_norm                    ? 
_diffrn_radiation.polarisn_ratio                   ? 
_diffrn_radiation.probe                            ? 
_diffrn_radiation.type                             ? 
_diffrn_radiation.xray_symbol                      ? 
_diffrn_radiation.wavelength_id                    1 
_diffrn_radiation.pdbx_monochromatic_or_laue_m_l   M 
_diffrn_radiation.pdbx_wavelength_list             ? 
_diffrn_radiation.pdbx_wavelength                  ? 
_diffrn_radiation.pdbx_diffrn_protocol             'SINGLE WAVELENGTH' 
_diffrn_radiation.pdbx_analyzer                    ? 
_diffrn_radiation.pdbx_scattering_type             x-ray 
# 
_diffrn_radiation_wavelength.id           1 
_diffrn_radiation_wavelength.wavelength   0.97918 
_diffrn_radiation_wavelength.wt           1.0 
# 
_diffrn_source.current                     ? 
_diffrn_source.details                     ? 
_diffrn_source.diffrn_id                   1 
_diffrn_source.power                       ? 
_diffrn_source.size                        ? 
_diffrn_source.source                      SYNCHROTRON 
_diffrn_source.target                      ? 
_diffrn_source.type                        'APS BEAMLINE 24-ID-E' 
_diffrn_source.voltage                     ? 
_diffrn_source.take-off_angle              ? 
_diffrn_source.pdbx_wavelength_list        0.97918 
_diffrn_source.pdbx_wavelength             ? 
_diffrn_source.pdbx_synchrotron_beamline   24-ID-E 
_diffrn_source.pdbx_synchrotron_site       APS 
# 
_reflns.B_iso_Wilson_estimate            10.117 
_reflns.entry_id                         7K3Y 
_reflns.data_reduction_details           ? 
_reflns.data_reduction_method            ? 
_reflns.d_resolution_high                1.100 
_reflns.d_resolution_low                 16.14 
_reflns.details                          ? 
_reflns.limit_h_max                      ? 
_reflns.limit_h_min                      ? 
_reflns.limit_k_max                      ? 
_reflns.limit_k_min                      ? 
_reflns.limit_l_max                      ? 
_reflns.limit_l_min                      ? 
_reflns.number_all                       ? 
_reflns.number_obs                       1830 
_reflns.observed_criterion               ? 
_reflns.observed_criterion_F_max         ? 
_reflns.observed_criterion_F_min         ? 
_reflns.observed_criterion_I_max         ? 
_reflns.observed_criterion_I_min         ? 
_reflns.observed_criterion_sigma_F       ? 
_reflns.observed_criterion_sigma_I       ? 
_reflns.percent_possible_obs             76.200 
_reflns.R_free_details                   ? 
_reflns.Rmerge_F_all                     ? 
_reflns.Rmerge_F_obs                     ? 
_reflns.Friedel_coverage                 ? 
_reflns.number_gt                        ? 
_reflns.threshold_expression             ? 
_reflns.pdbx_redundancy                  2.146 
_reflns.pdbx_Rmerge_I_obs                0.157 
_reflns.pdbx_Rmerge_I_all                ? 
_reflns.pdbx_Rsym_value                  ? 
_reflns.pdbx_netI_over_av_sigmaI         ? 
_reflns.pdbx_netI_over_sigmaI            4.290 
_reflns.pdbx_res_netI_over_av_sigmaI_2   ? 
_reflns.pdbx_res_netI_over_sigmaI_2      ? 
_reflns.pdbx_chi_squared                 0.913 
_reflns.pdbx_scaling_rejects             ? 
_reflns.pdbx_d_res_high_opt              ? 
_reflns.pdbx_d_res_low_opt               ? 
_reflns.pdbx_d_res_opt_method            ? 
_reflns.phase_calculation_details        ? 
_reflns.pdbx_Rrim_I_all                  0.208 
_reflns.pdbx_Rpim_I_all                  ? 
_reflns.pdbx_d_opt                       ? 
_reflns.pdbx_number_measured_all         ? 
_reflns.pdbx_diffrn_id                   1 
_reflns.pdbx_ordinal                     1 
_reflns.pdbx_CC_half                     0.984 
_reflns.pdbx_CC_star                     ? 
_reflns.pdbx_R_split                     ? 
# 
loop_
_reflns_shell.d_res_high 
_reflns_shell.d_res_low 
_reflns_shell.meanI_over_sigI_all 
_reflns_shell.meanI_over_sigI_obs 
_reflns_shell.number_measured_all 
_reflns_shell.number_measured_obs 
_reflns_shell.number_possible 
_reflns_shell.number_unique_all 
_reflns_shell.number_unique_obs 
_reflns_shell.percent_possible_all 
_reflns_shell.percent_possible_obs 
_reflns_shell.Rmerge_F_all 
_reflns_shell.Rmerge_F_obs 
_reflns_shell.Rmerge_I_all 
_reflns_shell.Rmerge_I_obs 
_reflns_shell.meanI_over_sigI_gt 
_reflns_shell.meanI_over_uI_all 
_reflns_shell.meanI_over_uI_gt 
_reflns_shell.number_measured_gt 
_reflns_shell.number_unique_gt 
_reflns_shell.percent_possible_gt 
_reflns_shell.Rmerge_F_gt 
_reflns_shell.Rmerge_I_gt 
_reflns_shell.pdbx_redundancy 
_reflns_shell.pdbx_Rsym_value 
_reflns_shell.pdbx_chi_squared 
_reflns_shell.pdbx_netI_over_sigmaI_all 
_reflns_shell.pdbx_netI_over_sigmaI_obs 
_reflns_shell.pdbx_Rrim_I_all 
_reflns_shell.pdbx_Rpim_I_all 
_reflns_shell.pdbx_rejects 
_reflns_shell.pdbx_ordinal 
_reflns_shell.pdbx_diffrn_id 
_reflns_shell.pdbx_CC_half 
_reflns_shell.pdbx_CC_star 
_reflns_shell.pdbx_R_split 
1.100 1.130 ? 1.860 ? ? ? ? 43  23.200 ? ? ? ? 0.285 ? ? ? ? ? ? ? ? 2.140 ? ? ? ? 0.373 ? ? 1  1 0.951 ? ? 
1.130 1.170 ? 2.080 ? ? ? ? 79  36.900 ? ? ? ? 0.340 ? ? ? ? ? ? ? ? 2.165 ? ? ? ? 0.452 ? ? 2  1 0.895 ? ? 
1.170 1.210 ? 2.480 ? ? ? ? 92  51.700 ? ? ? ? 0.358 ? ? ? ? ? ? ? ? 2.239 ? ? ? ? 0.466 ? ? 3  1 0.853 ? ? 
1.210 1.250 ? 2.210 ? ? ? ? 144 86.700 ? ? ? ? 0.336 ? ? ? ? ? ? ? ? 2.111 ? ? ? ? 0.444 ? ? 4  1 0.920 ? ? 
1.250 1.300 ? 2.660 ? ? ? ? 167 89.300 ? ? ? ? 0.309 ? ? ? ? ? ? ? ? 2.180 ? ? ? ? 0.403 ? ? 5  1 0.867 ? ? 
1.300 1.350 ? 2.850 ? ? ? ? 140 82.800 ? ? ? ? 0.336 ? ? ? ? ? ? ? ? 2.100 ? ? ? ? 0.448 ? ? 6  1 0.786 ? ? 
1.350 1.410 ? 3.630 ? ? ? ? 132 88.600 ? ? ? ? 0.292 ? ? ? ? ? ? ? ? 2.242 ? ? ? ? 0.386 ? ? 7  1 0.883 ? ? 
1.410 1.480 ? 3.800 ? ? ? ? 131 86.200 ? ? ? ? 0.277 ? ? ? ? ? ? ? ? 2.023 ? ? ? ? 0.372 ? ? 8  1 0.850 ? ? 
1.480 1.560 ? 4.450 ? ? ? ? 134 87.600 ? ? ? ? 0.228 ? ? ? ? ? ? ? ? 2.172 ? ? ? ? 0.304 ? ? 9  1 0.927 ? ? 
1.560 1.650 ? 4.710 ? ? ? ? 116 88.500 ? ? ? ? 0.247 ? ? ? ? ? ? ? ? 2.181 ? ? ? ? 0.331 ? ? 10 1 0.937 ? ? 
1.650 1.770 ? 5.470 ? ? ? ? 124 91.900 ? ? ? ? 0.284 ? ? ? ? ? ? ? ? 2.048 ? ? ? ? 0.377 ? ? 11 1 0.750 ? ? 
1.770 1.910 ? 5.890 ? ? ? ? 102 82.300 ? ? ? ? 0.209 ? ? ? ? ? ? ? ? 2.127 ? ? ? ? 0.283 ? ? 12 1 0.856 ? ? 
1.910 2.090 ? 6.050 ? ? ? ? 101 90.200 ? ? ? ? 0.188 ? ? ? ? ? ? ? ? 2.139 ? ? ? ? 0.239 ? ? 13 1 0.960 ? ? 
2.090 2.340 ? 6.910 ? ? ? ? 90  90.900 ? ? ? ? 0.134 ? ? ? ? ? ? ? ? 2.256 ? ? ? ? 0.174 ? ? 14 1 0.962 ? ? 
2.340 2.700 ? 6.470 ? ? ? ? 86  97.700 ? ? ? ? 0.135 ? ? ? ? ? ? ? ? 2.174 ? ? ? ? 0.182 ? ? 15 1 0.933 ? ? 
2.700 3.300 ? 6.970 ? ? ? ? 67  91.800 ? ? ? ? 0.100 ? ? ? ? ? ? ? ? 2.119 ? ? ? ? 0.137 ? ? 16 1 0.996 ? ? 
3.300 4.670 ? 6.770 ? ? ? ? 54  93.100 ? ? ? ? 0.084 ? ? ? ? ? ? ? ? 2.093 ? ? ? ? 0.114 ? ? 17 1 0.963 ? ? 
4.670 16.14 ? 6.680 ? ? ? ? 28  93.300 ? ? ? ? 0.092 ? ? ? ? ? ? ? ? 2.143 ? ? ? ? 0.118 ? ? 18 1 0.995 ? ? 
# 
_refine.aniso_B[1][1]                            ? 
_refine.aniso_B[1][2]                            ? 
_refine.aniso_B[1][3]                            ? 
_refine.aniso_B[2][2]                            ? 
_refine.aniso_B[2][3]                            ? 
_refine.aniso_B[3][3]                            ? 
_refine.B_iso_max                                ? 
_refine.B_iso_mean                               9.15 
_refine.B_iso_min                                ? 
_refine.correlation_coeff_Fo_to_Fc               ? 
_refine.correlation_coeff_Fo_to_Fc_free          ? 
_refine.details                                  ? 
_refine.diff_density_max                         ? 
_refine.diff_density_max_esd                     ? 
_refine.diff_density_min                         ? 
_refine.diff_density_min_esd                     ? 
_refine.diff_density_rms                         ? 
_refine.diff_density_rms_esd                     ? 
_refine.entry_id                                 7K3Y 
_refine.pdbx_refine_id                           'X-RAY DIFFRACTION' 
_refine.ls_abs_structure_details                 ? 
_refine.ls_abs_structure_Flack                   ? 
_refine.ls_abs_structure_Flack_esd               ? 
_refine.ls_abs_structure_Rogers                  ? 
_refine.ls_abs_structure_Rogers_esd              ? 
_refine.ls_d_res_high                            1.10 
_refine.ls_d_res_low                             10.08 
_refine.ls_extinction_coef                       ? 
_refine.ls_extinction_coef_esd                   ? 
_refine.ls_extinction_expression                 ? 
_refine.ls_extinction_method                     ? 
_refine.ls_goodness_of_fit_all                   ? 
_refine.ls_goodness_of_fit_all_esd               ? 
_refine.ls_goodness_of_fit_obs                   ? 
_refine.ls_goodness_of_fit_obs_esd               ? 
_refine.ls_hydrogen_treatment                    ? 
_refine.ls_matrix_type                           ? 
_refine.ls_number_constraints                    ? 
_refine.ls_number_parameters                     ? 
_refine.ls_number_reflns_all                     ? 
_refine.ls_number_reflns_obs                     1812 
_refine.ls_number_reflns_R_free                  181 
_refine.ls_number_reflns_R_work                  1631 
_refine.ls_number_restraints                     ? 
_refine.ls_percent_reflns_obs                    75.50 
_refine.ls_percent_reflns_R_free                 9.99 
_refine.ls_R_factor_all                          ? 
_refine.ls_R_factor_obs                          0.1661 
_refine.ls_R_factor_R_free                       0.1933 
_refine.ls_R_factor_R_free_error                 ? 
_refine.ls_R_factor_R_free_error_details         ? 
_refine.ls_R_factor_R_work                       0.1626 
_refine.ls_R_Fsqd_factor_obs                     ? 
_refine.ls_R_I_factor_obs                        ? 
_refine.ls_redundancy_reflns_all                 ? 
_refine.ls_redundancy_reflns_obs                 ? 
_refine.ls_restrained_S_all                      ? 
_refine.ls_restrained_S_obs                      ? 
_refine.ls_shift_over_esd_max                    ? 
_refine.ls_shift_over_esd_mean                   ? 
_refine.ls_structure_factor_coef                 ? 
_refine.ls_weighting_details                     ? 
_refine.ls_weighting_scheme                      ? 
_refine.ls_wR_factor_all                         ? 
_refine.ls_wR_factor_obs                         ? 
_refine.ls_wR_factor_R_free                      ? 
_refine.ls_wR_factor_R_work                      ? 
_refine.occupancy_max                            ? 
_refine.occupancy_min                            ? 
_refine.solvent_model_details                    'FLAT BULK SOLVENT MODEL' 
_refine.solvent_model_param_bsol                 ? 
_refine.solvent_model_param_ksol                 ? 
_refine.pdbx_R_complete                          ? 
_refine.ls_R_factor_gt                           ? 
_refine.ls_goodness_of_fit_gt                    ? 
_refine.ls_goodness_of_fit_ref                   ? 
_refine.ls_shift_over_su_max                     ? 
_refine.ls_shift_over_su_max_lt                  ? 
_refine.ls_shift_over_su_mean                    ? 
_refine.ls_shift_over_su_mean_lt                 ? 
_refine.pdbx_ls_sigma_I                          ? 
_refine.pdbx_ls_sigma_F                          2.13 
_refine.pdbx_ls_sigma_Fsqd                       ? 
_refine.pdbx_data_cutoff_high_absF               ? 
_refine.pdbx_data_cutoff_high_rms_absF           ? 
_refine.pdbx_data_cutoff_low_absF                ? 
_refine.pdbx_isotropic_thermal_model             ? 
_refine.pdbx_ls_cross_valid_method               'FREE R-VALUE' 
_refine.pdbx_method_to_determine_struct          'MOLECULAR REPLACEMENT' 
_refine.pdbx_starting_model                      'ideal beta strand' 
_refine.pdbx_stereochemistry_target_values       'GeoStd + Monomer Library + CDL v1.2' 
_refine.pdbx_R_Free_selection_details            ? 
_refine.pdbx_stereochem_target_val_spec_case     ? 
_refine.pdbx_overall_ESU_R                       ? 
_refine.pdbx_overall_ESU_R_Free                  ? 
_refine.pdbx_solvent_vdw_probe_radii             1.1100 
_refine.pdbx_solvent_ion_probe_radii             ? 
_refine.pdbx_solvent_shrinkage_radii             0.9000 
_refine.pdbx_real_space_R                        ? 
_refine.pdbx_density_correlation                 ? 
_refine.pdbx_pd_number_of_powder_patterns        ? 
_refine.pdbx_pd_number_of_points                 ? 
_refine.pdbx_pd_meas_number_of_points            ? 
_refine.pdbx_pd_proc_ls_prof_R_factor            ? 
_refine.pdbx_pd_proc_ls_prof_wR_factor           ? 
_refine.pdbx_pd_Marquardt_correlation_coeff      ? 
_refine.pdbx_pd_Fsqrd_R_factor                   ? 
_refine.pdbx_pd_ls_matrix_band_width             ? 
_refine.pdbx_overall_phase_error                 27.5094 
_refine.pdbx_overall_SU_R_free_Cruickshank_DPI   ? 
_refine.pdbx_overall_SU_R_free_Blow_DPI          ? 
_refine.pdbx_overall_SU_R_Blow_DPI               ? 
_refine.pdbx_TLS_residual_ADP_flag               ? 
_refine.pdbx_diffrn_id                           1 
_refine.overall_SU_B                             ? 
_refine.overall_SU_ML                            -0.0000 
_refine.overall_SU_R_Cruickshank_DPI             ? 
_refine.overall_SU_R_free                        ? 
_refine.overall_FOM_free_R_set                   ? 
_refine.overall_FOM_work_R_set                   ? 
_refine.pdbx_average_fsc_overall                 ? 
_refine.pdbx_average_fsc_work                    ? 
_refine.pdbx_average_fsc_free                    ? 
# 
_refine_hist.pdbx_refine_id                   'X-RAY DIFFRACTION' 
_refine_hist.cycle_id                         LAST 
_refine_hist.details                          ? 
_refine_hist.d_res_high                       1.10 
_refine_hist.d_res_low                        10.08 
_refine_hist.number_atoms_solvent             7 
_refine_hist.number_atoms_total               89 
_refine_hist.number_reflns_all                ? 
_refine_hist.number_reflns_obs                ? 
_refine_hist.number_reflns_R_free             ? 
_refine_hist.number_reflns_R_work             ? 
_refine_hist.R_factor_all                     ? 
_refine_hist.R_factor_obs                     ? 
_refine_hist.R_factor_R_free                  ? 
_refine_hist.R_factor_R_work                  ? 
_refine_hist.pdbx_number_residues_total       ? 
_refine_hist.pdbx_B_iso_mean_ligand           ? 
_refine_hist.pdbx_B_iso_mean_solvent          ? 
_refine_hist.pdbx_number_atoms_protein        82 
_refine_hist.pdbx_number_atoms_nucleic_acid   0 
_refine_hist.pdbx_number_atoms_ligand         0 
_refine_hist.pdbx_number_atoms_lipid          ? 
_refine_hist.pdbx_number_atoms_carb           ? 
_refine_hist.pdbx_pseudo_atom_details         ? 
# 
loop_
_refine_ls_restr.pdbx_refine_id 
_refine_ls_restr.criterion 
_refine_ls_restr.dev_ideal 
_refine_ls_restr.dev_ideal_target 
_refine_ls_restr.number 
_refine_ls_restr.rejects 
_refine_ls_restr.type 
_refine_ls_restr.weight 
_refine_ls_restr.pdbx_restraint_function 
'X-RAY DIFFRACTION' ? 0.0191 ? 90  ? f_bond_d           ? ? 
'X-RAY DIFFRACTION' ? 1.5167 ? 122 ? f_angle_d          ? ? 
'X-RAY DIFFRACTION' ? 0.1421 ? 10  ? f_chiral_restr     ? ? 
'X-RAY DIFFRACTION' ? 0.0125 ? 18  ? f_plane_restr      ? ? 
'X-RAY DIFFRACTION' ? 7.2703 ? 28  ? f_dihedral_angle_d ? ? 
# 
_refine_ls_shell.pdbx_refine_id                   'X-RAY DIFFRACTION' 
_refine_ls_shell.d_res_high                       1.10 
_refine_ls_shell.d_res_low                        10.08 
_refine_ls_shell.number_reflns_all                ? 
_refine_ls_shell.number_reflns_obs                ? 
_refine_ls_shell.number_reflns_R_free             181 
_refine_ls_shell.number_reflns_R_work             1631 
_refine_ls_shell.percent_reflns_obs               75.50 
_refine_ls_shell.percent_reflns_R_free            ? 
_refine_ls_shell.R_factor_all                     ? 
_refine_ls_shell.R_factor_obs                     ? 
_refine_ls_shell.R_factor_R_free                  0.1933 
_refine_ls_shell.R_factor_R_free_error            ? 
_refine_ls_shell.R_factor_R_work                  0.1626 
_refine_ls_shell.redundancy_reflns_all            ? 
_refine_ls_shell.redundancy_reflns_obs            ? 
_refine_ls_shell.wR_factor_all                    ? 
_refine_ls_shell.wR_factor_obs                    ? 
_refine_ls_shell.wR_factor_R_free                 ? 
_refine_ls_shell.wR_factor_R_work                 ? 
_refine_ls_shell.pdbx_R_complete                  ? 
_refine_ls_shell.pdbx_total_number_of_bins_used   ? 
_refine_ls_shell.pdbx_phase_error                 ? 
_refine_ls_shell.pdbx_fsc_work                    ? 
_refine_ls_shell.pdbx_fsc_free                    ? 
# 
_struct.entry_id                     7K3Y 
_struct.title                        'GGYAGAS segment 52-58 from Keratin-8' 
_struct.pdbx_model_details           ? 
_struct.pdbx_formula_weight          ? 
_struct.pdbx_formula_weight_method   ? 
_struct.pdbx_model_type_details      ? 
_struct.pdbx_CASP_flag               N 
# 
_struct_keywords.entry_id        7K3Y 
_struct_keywords.text            'amyloid filament, low complexity sequence, PROTEIN FIBRIL' 
_struct_keywords.pdbx_keywords   'PROTEIN FIBRIL' 
# 
loop_
_struct_asym.id 
_struct_asym.pdbx_blank_PDB_chainid_flag 
_struct_asym.pdbx_modified 
_struct_asym.entity_id 
_struct_asym.details 
A N N 1 ? 
B N N 1 ? 
C N N 2 ? 
D N N 2 ? 
# 
_struct_ref.id                         1 
_struct_ref.db_name                    PDB 
_struct_ref.db_code                    7K3Y 
_struct_ref.pdbx_db_accession          7K3Y 
_struct_ref.pdbx_db_isoform            ? 
_struct_ref.entity_id                  1 
_struct_ref.pdbx_seq_one_letter_code   ? 
_struct_ref.pdbx_align_begin           1 
# 
loop_
_struct_ref_seq.align_id 
_struct_ref_seq.ref_id 
_struct_ref_seq.pdbx_PDB_id_code 
_struct_ref_seq.pdbx_strand_id 
_struct_ref_seq.seq_align_beg 
_struct_ref_seq.pdbx_seq_align_beg_ins_code 
_struct_ref_seq.seq_align_end 
_struct_ref_seq.pdbx_seq_align_end_ins_code 
_struct_ref_seq.pdbx_db_accession 
_struct_ref_seq.db_align_beg 
_struct_ref_seq.pdbx_db_align_beg_ins_code 
_struct_ref_seq.db_align_end 
_struct_ref_seq.pdbx_db_align_end_ins_code 
_struct_ref_seq.pdbx_auth_seq_align_beg 
_struct_ref_seq.pdbx_auth_seq_align_end 
1 1 7K3Y A 1 ? 7 ? 7K3Y 52 ? 58 ? 52 58 
2 1 7K3Y B 1 ? 7 ? 7K3Y 52 ? 58 ? 52 58 
# 
_pdbx_struct_assembly.id                   1 
_pdbx_struct_assembly.details              author_defined_assembly 
_pdbx_struct_assembly.method_details       ? 
_pdbx_struct_assembly.oligomeric_details   dodecameric 
_pdbx_struct_assembly.oligomeric_count     12 
# 
loop_
_pdbx_struct_assembly_gen.assembly_id 
_pdbx_struct_assembly_gen.oper_expression 
_pdbx_struct_assembly_gen.asym_id_list 
1 1 A,B,C,D 
1 2 A,B,C,D 
1 3 A,B,C,D 
1 4 A,B,C,D 
1 5 A,B,C,D 
1 6 A,B,C,D 
# 
_pdbx_struct_assembly_auth_evidence.id                     1 
_pdbx_struct_assembly_auth_evidence.assembly_id            1 
_pdbx_struct_assembly_auth_evidence.experimental_support   none 
_pdbx_struct_assembly_auth_evidence.details                ? 
# 
loop_
_pdbx_struct_oper_list.id 
_pdbx_struct_oper_list.type 
_pdbx_struct_oper_list.name 
_pdbx_struct_oper_list.symmetry_operation 
_pdbx_struct_oper_list.matrix[1][1] 
_pdbx_struct_oper_list.matrix[1][2] 
_pdbx_struct_oper_list.matrix[1][3] 
_pdbx_struct_oper_list.vector[1] 
_pdbx_struct_oper_list.matrix[2][1] 
_pdbx_struct_oper_list.matrix[2][2] 
_pdbx_struct_oper_list.matrix[2][3] 
_pdbx_struct_oper_list.vector[2] 
_pdbx_struct_oper_list.matrix[3][1] 
_pdbx_struct_oper_list.matrix[3][2] 
_pdbx_struct_oper_list.matrix[3][3] 
_pdbx_struct_oper_list.vector[3] 
1 'identity operation'         1_555 x,y,z     1.0000000000 0.0000000000 0.0000000000 0.0000000000  0.0000000000 1.0000000000 0.0000000000 0.0000000000  0.0000000000 0.0000000000 1.0000000000 0.0000000000   
2 'crystal symmetry operation' 1_455 x-1,y,z   1.0000000000 0.0000000000 0.0000000000 2.2860879920  0.0000000000 1.0000000000 0.0000000000 3.2570313706  0.0000000000 0.0000000000 1.0000000000 8.5492951957   
3 'crystal symmetry operation' 1_655 x+1,y,z   1.0000000000 0.0000000000 0.0000000000 -2.2860879920 0.0000000000 1.0000000000 0.0000000000 -3.2570313706 0.0000000000 0.0000000000 1.0000000000 -8.5492951957  
4 'crystal symmetry operation' 1_565 x,y+1,z   1.0000000000 0.0000000000 0.0000000000 9.0177708448  0.0000000000 1.0000000000 0.0000000000 -0.7372244093 0.0000000000 0.0000000000 1.0000000000 -5.3081455482  
5 'crystal symmetry operation' 1_465 x-1,y+1,z 1.0000000000 0.0000000000 0.0000000000 11.3038588368 0.0000000000 1.0000000000 0.0000000000 2.5198069613  0.0000000000 0.0000000000 1.0000000000 3.2411496475   
6 'crystal symmetry operation' 1_665 x+1,y+1,z 1.0000000000 0.0000000000 0.0000000000 6.7316828527  0.0000000000 1.0000000000 0.0000000000 -3.9942557799 0.0000000000 0.0000000000 1.0000000000 -13.8574407440 
# 
_struct_sheet.id               AA1 
_struct_sheet.type             ? 
_struct_sheet.number_strands   2 
_struct_sheet.details          ? 
# 
_struct_sheet_order.sheet_id     AA1 
_struct_sheet_order.range_id_1   1 
_struct_sheet_order.range_id_2   2 
_struct_sheet_order.offset       ? 
_struct_sheet_order.sense        anti-parallel 
# 
loop_
_struct_sheet_range.sheet_id 
_struct_sheet_range.id 
_struct_sheet_range.beg_label_comp_id 
_struct_sheet_range.beg_label_asym_id 
_struct_sheet_range.beg_label_seq_id 
_struct_sheet_range.pdbx_beg_PDB_ins_code 
_struct_sheet_range.end_label_comp_id 
_struct_sheet_range.end_label_asym_id 
_struct_sheet_range.end_label_seq_id 
_struct_sheet_range.pdbx_end_PDB_ins_code 
_struct_sheet_range.beg_auth_comp_id 
_struct_sheet_range.beg_auth_asym_id 
_struct_sheet_range.beg_auth_seq_id 
_struct_sheet_range.end_auth_comp_id 
_struct_sheet_range.end_auth_asym_id 
_struct_sheet_range.end_auth_seq_id 
AA1 1 GLY A 2 ? ALA A 6 ? GLY A 53 ALA A 57 
AA1 2 GLY B 2 ? ALA B 6 ? GLY B 53 ALA B 57 
# 
_pdbx_struct_sheet_hbond.sheet_id                AA1 
_pdbx_struct_sheet_hbond.range_id_1              1 
_pdbx_struct_sheet_hbond.range_id_2              2 
_pdbx_struct_sheet_hbond.range_1_label_atom_id   N 
_pdbx_struct_sheet_hbond.range_1_label_comp_id   GLY 
_pdbx_struct_sheet_hbond.range_1_label_asym_id   A 
_pdbx_struct_sheet_hbond.range_1_label_seq_id    5 
_pdbx_struct_sheet_hbond.range_1_PDB_ins_code    ? 
_pdbx_struct_sheet_hbond.range_1_auth_atom_id    N 
_pdbx_struct_sheet_hbond.range_1_auth_comp_id    GLY 
_pdbx_struct_sheet_hbond.range_1_auth_asym_id    A 
_pdbx_struct_sheet_hbond.range_1_auth_seq_id     56 
_pdbx_struct_sheet_hbond.range_2_label_atom_id   O 
_pdbx_struct_sheet_hbond.range_2_label_comp_id   TYR 
_pdbx_struct_sheet_hbond.range_2_label_asym_id   B 
_pdbx_struct_sheet_hbond.range_2_label_seq_id    3 
_pdbx_struct_sheet_hbond.range_2_PDB_ins_code    ? 
_pdbx_struct_sheet_hbond.range_2_auth_atom_id    O 
_pdbx_struct_sheet_hbond.range_2_auth_comp_id    TYR 
_pdbx_struct_sheet_hbond.range_2_auth_asym_id    B 
_pdbx_struct_sheet_hbond.range_2_auth_seq_id     54 
# 
_space_group_symop.id              1 
_space_group_symop.operation_xyz   x,y,z 
# 
_pdbx_phasing_MR.entry_id                     7K3Y 
_pdbx_phasing_MR.method_rotation              ? 
_pdbx_phasing_MR.method_translation           ? 
_pdbx_phasing_MR.model_details                'Phaser MODE: MR_AUTO' 
_pdbx_phasing_MR.R_factor                     ? 
_pdbx_phasing_MR.R_rigid_body                 ? 
_pdbx_phasing_MR.correlation_coeff_Fo_to_Fc   ? 
_pdbx_phasing_MR.correlation_coeff_Io_to_Ic   ? 
_pdbx_phasing_MR.d_res_high_rotation          1.200 
_pdbx_phasing_MR.d_res_low_rotation           16.140 
_pdbx_phasing_MR.d_res_high_translation       ? 
_pdbx_phasing_MR.d_res_low_translation        ? 
_pdbx_phasing_MR.packing                      ? 
_pdbx_phasing_MR.reflns_percent_rotation      ? 
_pdbx_phasing_MR.reflns_percent_translation   ? 
_pdbx_phasing_MR.sigma_F_rotation             ? 
_pdbx_phasing_MR.sigma_F_translation          ? 
_pdbx_phasing_MR.sigma_I_rotation             ? 
_pdbx_phasing_MR.sigma_I_translation          ? 
# 
_phasing.method   MR 
# 
loop_
_chem_comp_atom.comp_id 
_chem_comp_atom.atom_id 
_chem_comp_atom.type_symbol 
_chem_comp_atom.pdbx_aromatic_flag 
_chem_comp_atom.pdbx_stereo_config 
_chem_comp_atom.pdbx_ordinal 
ALA N   N N N 1  
ALA CA  C N S 2  
ALA C   C N N 3  
ALA O   O N N 4  
ALA CB  C N N 5  
ALA OXT O N N 6  
ALA H   H N N 7  
ALA H2  H N N 8  
ALA HA  H N N 9  
ALA HB1 H N N 10 
ALA HB2 H N N 11 
ALA HB3 H N N 12 
ALA HXT H N N 13 
GLY N   N N N 14 
GLY CA  C N N 15 
GLY C   C N N 16 
GLY O   O N N 17 
GLY OXT O N N 18 
GLY H   H N N 19 
GLY H2  H N N 20 
GLY HA2 H N N 21 
GLY HA3 H N N 22 
GLY HXT H N N 23 
HOH O   O N N 24 
HOH H1  H N N 25 
HOH H2  H N N 26 
SER N   N N N 27 
SER CA  C N S 28 
SER C   C N N 29 
SER O   O N N 30 
SER CB  C N N 31 
SER OG  O N N 32 
SER OXT O N N 33 
SER H   H N N 34 
SER H2  H N N 35 
SER HA  H N N 36 
SER HB2 H N N 37 
SER HB3 H N N 38 
SER HG  H N N 39 
SER HXT H N N 40 
TYR N   N N N 41 
TYR CA  C N S 42 
TYR C   C N N 43 
TYR O   O N N 44 
TYR CB  C N N 45 
TYR CG  C Y N 46 
TYR CD1 C Y N 47 
TYR CD2 C Y N 48 
TYR CE1 C Y N 49 
TYR CE2 C Y N 50 
TYR CZ  C Y N 51 
TYR OH  O N N 52 
TYR OXT O N N 53 
TYR H   H N N 54 
TYR H2  H N N 55 
TYR HA  H N N 56 
TYR HB2 H N N 57 
TYR HB3 H N N 58 
TYR HD1 H N N 59 
TYR HD2 H N N 60 
TYR HE1 H N N 61 
TYR HE2 H N N 62 
TYR HH  H N N 63 
TYR HXT H N N 64 
# 
loop_
_chem_comp_bond.comp_id 
_chem_comp_bond.atom_id_1 
_chem_comp_bond.atom_id_2 
_chem_comp_bond.value_order 
_chem_comp_bond.pdbx_aromatic_flag 
_chem_comp_bond.pdbx_stereo_config 
_chem_comp_bond.pdbx_ordinal 
ALA N   CA  sing N N 1  
ALA N   H   sing N N 2  
ALA N   H2  sing N N 3  
ALA CA  C   sing N N 4  
ALA CA  CB  sing N N 5  
ALA CA  HA  sing N N 6  
ALA C   O   doub N N 7  
ALA C   OXT sing N N 8  
ALA CB  HB1 sing N N 9  
ALA CB  HB2 sing N N 10 
ALA CB  HB3 sing N N 11 
ALA OXT HXT sing N N 12 
GLY N   CA  sing N N 13 
GLY N   H   sing N N 14 
GLY N   H2  sing N N 15 
GLY CA  C   sing N N 16 
GLY CA  HA2 sing N N 17 
GLY CA  HA3 sing N N 18 
GLY C   O   doub N N 19 
GLY C   OXT sing N N 20 
GLY OXT HXT sing N N 21 
HOH O   H1  sing N N 22 
HOH O   H2  sing N N 23 
SER N   CA  sing N N 24 
SER N   H   sing N N 25 
SER N   H2  sing N N 26 
SER CA  C   sing N N 27 
SER CA  CB  sing N N 28 
SER CA  HA  sing N N 29 
SER C   O   doub N N 30 
SER C   OXT sing N N 31 
SER CB  OG  sing N N 32 
SER CB  HB2 sing N N 33 
SER CB  HB3 sing N N 34 
SER OG  HG  sing N N 35 
SER OXT HXT sing N N 36 
TYR N   CA  sing N N 37 
TYR N   H   sing N N 38 
TYR N   H2  sing N N 39 
TYR CA  C   sing N N 40 
TYR CA  CB  sing N N 41 
TYR CA  HA  sing N N 42 
TYR C   O   doub N N 43 
TYR C   OXT sing N N 44 
TYR CB  CG  sing N N 45 
TYR CB  HB2 sing N N 46 
TYR CB  HB3 sing N N 47 
TYR CG  CD1 doub Y N 48 
TYR CG  CD2 sing Y N 49 
TYR CD1 CE1 sing Y N 50 
TYR CD1 HD1 sing N N 51 
TYR CD2 CE2 doub Y N 52 
TYR CD2 HD2 sing N N 53 
TYR CE1 CZ  doub Y N 54 
TYR CE1 HE1 sing N N 55 
TYR CE2 CZ  sing Y N 56 
TYR CE2 HE2 sing N N 57 
TYR CZ  OH  sing N N 58 
TYR OH  HH  sing N N 59 
TYR OXT HXT sing N N 60 
# 
_pdbx_audit_support.funding_organization   
'National Institutes of Health/National Institute of General Medical Sciences (NIH/NIGMS)' 
_pdbx_audit_support.country                'United States' 
_pdbx_audit_support.grant_number           'P30 GM124165' 
_pdbx_audit_support.ordinal                1 
# 
_pdbx_initial_refinement_model.accession_code   ? 
_pdbx_initial_refinement_model.id               1 
_pdbx_initial_refinement_model.entity_id_list   ? 
_pdbx_initial_refinement_model.type             'in silico model' 
_pdbx_initial_refinement_model.source_name      Other 
_pdbx_initial_refinement_model.details          'ideal beta strand' 
# 
_space_group.name_H-M_alt     'P 1' 
_space_group.name_Hall        'P 1' 
_space_group.IT_number        1 
_space_group.crystal_system   triclinic 
_space_group.id               1 
# 
_atom_sites.entry_id                    7K3Y 
_atom_sites.Cartn_transf_matrix[1][1]   ? 
_atom_sites.Cartn_transf_matrix[1][2]   ? 
_atom_sites.Cartn_transf_matrix[1][3]   ? 
_atom_sites.Cartn_transf_matrix[2][1]   ? 
_atom_sites.Cartn_transf_matrix[2][2]   ? 
_atom_sites.Cartn_transf_matrix[2][3]   ? 
_atom_sites.Cartn_transf_matrix[3][1]   ? 
_atom_sites.Cartn_transf_matrix[3][2]   ? 
_atom_sites.Cartn_transf_matrix[3][3]   ? 
_atom_sites.Cartn_transf_vector[1]      ? 
_atom_sites.Cartn_transf_vector[2]      ? 
_atom_sites.Cartn_transf_vector[3]      ? 
_atom_sites.fract_transf_matrix[1][1]   -0.05803663 
_atom_sites.fract_transf_matrix[1][2]   -0.01179249 
_atom_sites.fract_transf_matrix[1][3]   -0.09695758 
_atom_sites.fract_transf_matrix[2][1]   0.09605024 
_atom_sites.fract_transf_matrix[2][2]   -0.00193900 
_atom_sites.fract_transf_matrix[2][3]   -0.02494521 
_atom_sites.fract_transf_matrix[3][1]   0.00715627 
_atom_sites.fract_transf_matrix[3][2]   -0.05812442 
_atom_sites.fract_transf_matrix[3][3]   0.02023011 
_atom_sites.fract_transf_vector[1]      0.703698 
_atom_sites.fract_transf_vector[2]      0.757841 
_atom_sites.fract_transf_vector[3]      0.100501 
_atom_sites.solution_primary            ? 
_atom_sites.solution_secondary          ? 
_atom_sites.solution_hydrogens          ? 
_atom_sites.special_details             ? 
# 
loop_
_atom_type.symbol 
_atom_type.scat_dispersion_real 
_atom_type.scat_dispersion_imag 
_atom_type.scat_Cromer_Mann_a1 
_atom_type.scat_Cromer_Mann_a2 
_atom_type.scat_Cromer_Mann_a3 
_atom_type.scat_Cromer_Mann_a4 
_atom_type.scat_Cromer_Mann_b1 
_atom_type.scat_Cromer_Mann_b2 
_atom_type.scat_Cromer_Mann_b3 
_atom_type.scat_Cromer_Mann_b4 
_atom_type.scat_Cromer_Mann_c 
_atom_type.scat_source 
_atom_type.scat_dispersion_source 
C ? ? 3.54356 2.42580 ? ? 25.62398 1.50364 ? ? 0.0 
;2-Gaussian fit: Grosse-Kunstleve RW, Sauter NK, Adams PD: Newsletter of the IUCr Commission on Crystallographic Computing 2004, 3, 22-31.
;
? 
H ? ? 0.51345 0.48472 ? ? 24.73122 6.32584 ? ? 0.0 
;2-Gaussian fit: Grosse-Kunstleve RW, Sauter NK, Adams PD: Newsletter of the IUCr Commission on Crystallographic Computing 2004, 3, 22-31.
;
? 
N ? ? 4.01032 2.96436 ? ? 19.97189 1.75589 ? ? 0.0 
;2-Gaussian fit: Grosse-Kunstleve RW, Sauter NK, Adams PD: Newsletter of the IUCr Commission on Crystallographic Computing 2004, 3, 22-31.
;
? 
O ? ? 4.49882 3.47563 ? ? 15.80542 1.70748 ? ? 0.0 
;2-Gaussian fit: Grosse-Kunstleve RW, Sauter NK, Adams PD: Newsletter of the IUCr Commission on Crystallographic Computing 2004, 3, 22-31.
;
? 
# 
loop_
_atom_site.group_PDB 
_atom_site.id 
_atom_site.type_symbol 
_atom_site.label_atom_id 
_atom_site.label_alt_id 
_atom_site.label_comp_id 
_atom_site.label_asym_id 
_atom_site.label_entity_id 
_atom_site.label_seq_id 
_atom_site.pdbx_PDB_ins_code 
_atom_site.Cartn_x 
_atom_site.Cartn_y 
_atom_site.Cartn_z 
_atom_site.occupancy 
_atom_site.B_iso_or_equiv 
_atom_site.pdbx_formal_charge 
_atom_site.auth_seq_id 
_atom_site.auth_comp_id 
_atom_site.auth_asym_id 
_atom_site.auth_atom_id 
_atom_site.pdbx_PDB_model_num 
ATOM   1   N N   . GLY A 1 1 ? 7.49248  6.07511   -6.53679 1.000 8.98419  ? 52  GLY A N   1 
ATOM   2   C CA  . GLY A 1 1 ? 6.58020  4.95169   -6.80793 1.000 7.93474  ? 52  GLY A CA  1 
ATOM   3   C C   . GLY A 1 1 ? 5.86918  4.54156   -5.54495 1.000 6.39605  ? 52  GLY A C   1 
ATOM   4   O O   . GLY A 1 1 ? 6.31548  4.95003   -4.45878 1.000 7.43554  ? 52  GLY A O   1 
ATOM   5   H HA2 . GLY A 1 1 ? 5.92048  5.21377   -7.46928 1.000 9.69049  ? 52  GLY A HA2 1 
ATOM   6   H HA3 . GLY A 1 1 ? 7.08124  4.19384   -7.14734 1.000 9.69049  ? 52  GLY A HA3 1 
ATOM   7   N N   . GLY A 1 2 ? 4.81290  3.74466   -5.64167 1.000 5.66992  ? 53  GLY A N   1 
ATOM   8   C CA  . GLY A 1 2 ? 4.01402  3.40680   -4.46766 1.000 6.15711  ? 53  GLY A CA  1 
ATOM   9   C C   . GLY A 1 2 ? 3.13367  2.21811   -4.70483 1.000 5.74688  ? 53  GLY A C   1 
ATOM   10  O O   . GLY A 1 2 ? 3.14567  1.64408   -5.81628 1.000 6.78024  ? 53  GLY A O   1 
ATOM   11  H H   . GLY A 1 2 ? 4.53631  3.38667   -6.37330 1.000 6.97270  ? 53  GLY A H   1 
ATOM   12  H HA2 . GLY A 1 2 ? 4.60446  3.20508   -3.72474 1.000 7.55732  ? 53  GLY A HA2 1 
ATOM   13  H HA3 . GLY A 1 2 ? 3.46072  4.16050   -4.21969 1.000 7.55732  ? 53  GLY A HA3 1 
ATOM   14  N N   . TYR A 1 3 ? 2.34122  1.90895   -3.69569 1.000 5.71334  ? 54  TYR A N   1 
ATOM   15  C CA  . TYR A 1 3 ? 1.49911  0.69567   -3.64031 1.000 6.69114  ? 54  TYR A CA  1 
ATOM   16  C C   . TYR A 1 3 ? 0.44303  0.83461   -2.55821 1.000 7.47805  ? 54  TYR A C   1 
ATOM   17  O O   . TYR A 1 3 ? 0.60520  1.63199   -1.61704 1.000 6.72617  ? 54  TYR A O   1 
ATOM   18  C CB  . TYR A 1 3 ? 2.38593  -0.52439  -3.37073 1.000 7.56045  ? 54  TYR A CB  1 
ATOM   19  C CG  . TYR A 1 3 ? 3.31470  -0.28565  -2.22317 1.000 9.41051  ? 54  TYR A CG  1 
ATOM   20  C CD1 . TYR A 1 3 ? 2.84486  -0.33604  -0.92458 1.000 9.02049  ? 54  TYR A CD1 1 
ATOM   21  C CD2 . TYR A 1 3 ? 4.59330  0.16762   -2.45427 1.000 9.09541  ? 54  TYR A CD2 1 
ATOM   22  C CE1 . TYR A 1 3 ? 3.66915  -0.02803  0.13739  1.000 9.14287  ? 54  TYR A CE1 1 
ATOM   23  C CE2 . TYR A 1 3 ? 5.42958  0.48992   -1.40757 1.000 8.53504  ? 54  TYR A CE2 1 
ATOM   24  C CZ  . TYR A 1 3 ? 4.95731  0.41119   -0.11298 1.000 8.69868  ? 54  TYR A CZ  1 
ATOM   25  O OH  . TYR A 1 3 ? 5.73601  0.75003   0.93730  1.000 9.77719  ? 54  TYR A OH  1 
ATOM   26  H H   . TYR A 1 3 ? 2.26216  2.40009   -2.99469 1.000 7.02480  ? 54  TYR A H   1 
ATOM   27  H HA  . TYR A 1 3 ? 1.05606  0.57469   -4.49273 1.000 8.19816  ? 54  TYR A HA  1 
ATOM   28  H HB2 . TYR A 1 3 ? 1.82481  -1.28539  -3.15357 1.000 9.24134  ? 54  TYR A HB2 1 
ATOM   29  H HB3 . TYR A 1 3 ? 2.91862  -0.71397  -4.15900 1.000 9.24134  ? 54  TYR A HB3 1 
ATOM   30  H HD1 . TYR A 1 3 ? 1.97217  -0.61201  -0.76257 1.000 10.99338 ? 54  TYR A HD1 1 
ATOM   31  H HD2 . TYR A 1 3 ? 4.90331  0.23964   -3.32790 1.000 11.08328 ? 54  TYR A HD2 1 
ATOM   32  H HE1 . TYR A 1 3 ? 3.34964  -0.07413  1.00919  1.000 11.14023 ? 54  TYR A HE1 1 
ATOM   33  H HE2 . TYR A 1 3 ? 6.29658  0.78302   -1.57349 1.000 10.41084 ? 54  TYR A HE2 1 
ATOM   34  N N   . ALA A 1 4 ? -0.58838 0.02846   -2.69336 1.000 7.50526  ? 55  ALA A N   1 
ATOM   35  C CA  . ALA A 1 4 ? -1.67553 -0.09386  -1.71079 1.000 6.24173  ? 55  ALA A CA  1 
ATOM   36  C C   . ALA A 1 4 ? -2.32968 -1.44538  -1.90780 1.000 6.67431  ? 55  ALA A C   1 
ATOM   37  O O   . ALA A 1 4 ? -2.67612 -1.77421  -3.04550 1.000 7.34787  ? 55  ALA A O   1 
ATOM   38  C CB  . ALA A 1 4 ? -2.70867 1.00310   -1.85354 1.000 6.97982  ? 55  ALA A CB  1 
ATOM   39  H H   . ALA A 1 4 ? -0.69519 -0.48607  -3.37435 1.000 9.17511  ? 55  ALA A H   1 
ATOM   40  H HA  . ALA A 1 4 ? -1.30647 -0.05533  -0.81490 1.000 7.65887  ? 55  ALA A HA  1 
ATOM   41  H HB1 . ALA A 1 4 ? -3.39889 0.87491   -1.18445 1.000 8.54458  ? 55  ALA A HB1 1 
ATOM   42  H HB2 . ALA A 1 4 ? -2.27701 1.86153   -1.72354 1.000 8.54458  ? 55  ALA A HB2 1 
ATOM   43  H HB3 . ALA A 1 4 ? -3.09534 0.95845   -2.74239 1.000 8.54458  ? 55  ALA A HB3 1 
ATOM   44  N N   . GLY A 1 5 ? -2.59411 -2.12634  -0.81218 1.000 6.38374  ? 56  GLY A N   1 
ATOM   45  C CA  . GLY A 1 5 ? -3.33646 -3.39328  -0.78399 1.000 5.64302  ? 56  GLY A CA  1 
ATOM   46  C C   . GLY A 1 5 ? -4.35151 -3.44594  0.33035  1.000 6.66935  ? 56  GLY A C   1 
ATOM   47  O O   . GLY A 1 5 ? -4.19638 -2.72709  1.32097  1.000 6.73830  ? 56  GLY A O   1 
ATOM   48  H H   . GLY A 1 5 ? -2.34550 -1.86939  -0.03016 1.000 7.82928  ? 56  GLY A H   1 
ATOM   49  H HA2 . GLY A 1 5 ? -3.80475 -3.50725  -1.62571 1.000 6.94042  ? 56  GLY A HA2 1 
ATOM   50  H HA3 . GLY A 1 5 ? -2.72150 -4.13330  -0.67754 1.000 6.94042  ? 56  GLY A HA3 1 
ATOM   51  N N   . ALA A 1 6 ? -5.38271 -4.25913  0.15040  1.000 6.57509  ? 57  ALA A N   1 
ATOM   52  C CA  . ALA A 1 6 ? -6.49197 -4.42142  1.10557  1.000 7.50612  ? 57  ALA A CA  1 
ATOM   53  C C   . ALA A 1 6 ? -7.04233 -5.83757  0.97712  1.000 8.86003  ? 57  ALA A C   1 
ATOM   54  O O   . ALA A 1 6 ? -7.24859 -6.29750  -0.15803 1.000 9.95845  ? 57  ALA A O   1 
ATOM   55  C CB  . ALA A 1 6 ? -7.55704 -3.37939  0.85000  1.000 8.89402  ? 57  ALA A CB  1 
ATOM   56  H H   . ALA A 1 6 ? -5.47196 -4.75290  -0.54761 1.000 8.05891  ? 57  ALA A H   1 
ATOM   57  H HA  . ALA A 1 6 ? -6.15910 -4.30351  2.00958  1.000 9.17614  ? 57  ALA A HA  1 
ATOM   58  H HB1 . ALA A 1 6 ? -8.27187 -3.49438  1.49528  1.000 10.84161 ? 57  ALA A HB1 1 
ATOM   59  H HB2 . ALA A 1 6 ? -7.16402 -2.49775  0.94399  1.000 10.84161 ? 57  ALA A HB2 1 
ATOM   60  H HB3 . ALA A 1 6 ? -7.90133 -3.49410  -0.04996 1.000 10.84161 ? 57  ALA A HB3 1 
ATOM   61  N N   . SER A 1 7 ? -7.19902 -6.49567  2.10031  1.000 10.46101 ? 58  SER A N   1 
ATOM   62  C CA  A SER A 1 7 ? -7.77620 -7.87979  2.17751  0.500 11.21325 ? 58  SER A CA  1 
ATOM   63  C CA  B SER A 1 7 ? -7.79149 -7.87854  2.17119  0.500 10.71627 ? 58  SER A CA  1 
ATOM   64  C C   . SER A 1 7 ? -8.85807 -7.93042  3.32438  1.000 11.58137 ? 58  SER A C   1 
ATOM   65  O O   . SER A 1 7 ? -8.74269 -7.23726  4.42367  1.000 11.44373 ? 58  SER A O   1 
ATOM   66  C CB  A SER A 1 7 ? -6.67543 -8.81288  2.54969  0.500 13.26069 ? 58  SER A CB  1 
ATOM   67  C CB  B SER A 1 7 ? -6.75726 -8.89999  2.51210  0.500 11.91709 ? 58  SER A CB  1 
ATOM   68  O OG  A SER A 1 7 ? -7.09800 -10.14380 2.57189  0.500 15.10510 ? 58  SER A OG  1 
ATOM   69  O OG  B SER A 1 7 ? -5.93510 -9.13396  1.38978  0.500 13.06443 ? 58  SER A OG  1 
ATOM   70  O OXT . SER A 1 7 ? -9.84432 -8.66447  3.19050  1.000 10.97647 ? 58  SER A OXT 1 
ATOM   71  H H   A SER A 1 7 ? -6.98151 -6.17769  2.86960  0.500 12.72201 ? 58  SER A H   1 
ATOM   72  H H   B SER A 1 7 ? -6.97504 -6.18316  2.86995  0.500 12.72201 ? 58  SER A H   1 
ATOM   73  H HA  A SER A 1 7 ? -8.17003 -8.14490  1.33154  0.500 13.62470 ? 58  SER A HA  1 
ATOM   74  H HA  B SER A 1 7 ? -8.21296 -8.11249  1.32957  0.500 13.02832 ? 58  SER A HA  1 
ATOM   75  H HB2 A SER A 1 7 ? -5.95954 -8.72417  1.90201  0.500 16.08162 ? 58  SER A HB2 1 
ATOM   76  H HB2 B SER A 1 7 ? -6.21296 -8.57179  3.24417  0.500 14.46930 ? 58  SER A HB2 1 
ATOM   77  H HB3 A SER A 1 7 ? -6.34976 -8.57450  3.43179  0.500 16.08162 ? 58  SER A HB3 1 
ATOM   78  H HB3 B SER A 1 7 ? -7.19568 -9.72734  2.76475  0.500 14.46930 ? 58  SER A HB3 1 
ATOM   79  N N   . GLY B 1 1 ? -7.01348 -6.60125  6.58571  1.000 6.68056  ? 52  GLY B N   1 
ATOM   80  C CA  . GLY B 1 1 ? -6.37154 -5.28183  6.78057  1.000 6.44743  ? 52  GLY B CA  1 
ATOM   81  C C   . GLY B 1 1 ? -5.72990 -4.76195  5.51749  1.000 6.56619  ? 52  GLY B C   1 
ATOM   82  O O   . GLY B 1 1 ? -5.92609 -5.36643  4.45346  1.000 7.30488  ? 52  GLY B O   1 
ATOM   83  H HA2 . GLY B 1 1 ? -7.03557 -4.63956  7.07523  1.000 7.90571  ? 52  GLY B HA2 1 
ATOM   84  H HA3 . GLY B 1 1 ? -5.68856 -5.35272  7.46544  1.000 7.90571  ? 52  GLY B HA3 1 
ATOM   85  N N   . GLY B 1 2 ? -5.00978 -3.64753  5.60409  1.000 5.66354  ? 53  GLY B N   1 
ATOM   86  C CA  . GLY B 1 2 ? -4.43811 -2.98911  4.42386  1.000 7.33356  ? 53  GLY B CA  1 
ATOM   87  C C   . GLY B 1 2 ? -3.07929 -2.39758  4.69331  1.000 6.52687  ? 53  GLY B C   1 
ATOM   88  O O   . GLY B 1 2 ? -2.68825 -2.24458  5.85518  1.000 7.07847  ? 53  GLY B O   1 
ATOM   89  H H   . GLY B 1 2 ? -4.83397 -3.24490  6.34346  1.000 6.96504  ? 53  GLY B H   1 
ATOM   90  H HA2 . GLY B 1 2 ? -4.35416 -3.63245  3.70343  1.000 8.96907  ? 53  GLY B HA2 1 
ATOM   91  H HA3 . GLY B 1 2 ? -5.02995 -2.27760  4.13237  1.000 8.96907  ? 53  GLY B HA3 1 
ATOM   92  N N   . TYR B 1 3 ? -2.38617 -2.06703  3.62757  1.000 6.09299  ? 54  TYR B N   1 
ATOM   93  C CA  . TYR B 1 3 ? -1.06401 -1.40053  3.65986  1.000 6.18618  ? 54  TYR B CA  1 
ATOM   94  C C   . TYR B 1 3 ? -0.97268 -0.43987  2.47969  1.000 6.77998  ? 54  TYR B C   1 
ATOM   95  O O   . TYR B 1 3 ? -1.62027 -0.65907  1.47562  1.000 6.66222  ? 54  TYR B O   1 
ATOM   96  C CB  . TYR B 1 3 ? 0.04351  -2.46211  3.58393  1.000 5.93316  ? 54  TYR B CB  1 
ATOM   97  C CG  . TYR B 1 3 ? 0.03028  -3.21774  2.27818  1.000 5.82491  ? 54  TYR B CG  1 
ATOM   98  C CD1 . TYR B 1 3 ? 0.72171  -2.75005  1.17830  1.000 7.46347  ? 54  TYR B CD1 1 
ATOM   99  C CD2 . TYR B 1 3 ? -0.70645 -4.38095  2.13078  1.000 6.63094  ? 54  TYR B CD2 1 
ATOM   100 C CE1 . TYR B 1 3 ? 0.66884  -3.39450  -0.03898 1.000 8.52161  ? 54  TYR B CE1 1 
ATOM   101 C CE2 . TYR B 1 3 ? -0.75846 -5.04574  0.92212  1.000 8.30654  ? 54  TYR B CE2 1 
ATOM   102 C CZ  . TYR B 1 3 ? -0.07135 -4.55162  -0.16461 1.000 8.41558  ? 54  TYR B CZ  1 
ATOM   103 O OH  . TYR B 1 3 ? -0.14052 -5.15742  -1.38454 1.000 9.39534  ? 54  TYR B OH  1 
ATOM   104 H H   . TYR B 1 3 ? -2.66047 -2.21862  2.82662  1.000 7.48038  ? 54  TYR B H   1 
ATOM   105 H HA  . TYR B 1 3 ? -0.96475 -0.89876  4.48451  1.000 7.59221  ? 54  TYR B HA  1 
ATOM   106 H HB2 . TYR B 1 3 ? 0.90627  -2.02722  3.67067  1.000 7.28859  ? 54  TYR B HB2 1 
ATOM   107 H HB3 . TYR B 1 3 ? -0.08052 -3.10124  4.30290  1.000 7.28859  ? 54  TYR B HB3 1 
ATOM   108 H HD1 . TYR B 1 3 ? 1.20793  -1.96013  1.25143  1.000 9.12495  ? 54  TYR B HD1 1 
ATOM   109 H HD2 . TYR B 1 3 ? -1.18692 -4.71236  2.85540  1.000 8.12592  ? 54  TYR B HD2 1 
ATOM   110 H HE1 . TYR B 1 3 ? 1.13299  -3.05426  -0.76922 1.000 10.39473 ? 54  TYR B HE1 1 
ATOM   111 H HE2 . TYR B 1 3 ? -1.26999 -5.81807  0.83803  1.000 10.13664 ? 54  TYR B HE2 1 
ATOM   112 N N   . ALA B 1 4 ? -0.25254 0.65864   2.65839  1.000 7.20783  ? 55  ALA B N   1 
ATOM   113 C CA  . ALA B 1 4 ? 0.10860  1.60439   1.58493  1.000 7.99249  ? 55  ALA B CA  1 
ATOM   114 C C   . ALA B 1 4 ? 1.44389  2.25844   1.89530  1.000 7.67641  ? 55  ALA B C   1 
ATOM   115 O O   . ALA B 1 4 ? 1.83712  2.32155   3.06767  1.000 8.64699  ? 55  ALA B O   1 
ATOM   116 C CB  . ALA B 1 4 ? -0.94113 2.65994   1.42709  1.000 8.58712  ? 55  ALA B CB  1 
ATOM   117 H H   . ALA B 1 4 ? 0.05580  0.89538   3.42551  1.000 8.81819  ? 55  ALA B H   1 
ATOM   118 H HA  . ALA B 1 4 ? 0.18991  1.12345   0.74708  1.000 9.75978  ? 55  ALA B HA  1 
ATOM   119 H HB1 . ALA B 1 4 ? -0.67582 3.26499   0.71643  1.000 10.47333 ? 55  ALA B HB1 1 
ATOM   120 H HB2 . ALA B 1 4 ? -1.78408 2.23520   1.20324  1.000 10.47333 ? 55  ALA B HB2 1 
ATOM   121 H HB3 . ALA B 1 4 ? -1.02662 3.14668   2.26165  1.000 10.47333 ? 55  ALA B HB3 1 
ATOM   122 N N   . GLY B 1 5 ? 2.12901  2.69456   0.86318  1.000 6.43930  ? 56  GLY B N   1 
ATOM   123 C CA  . GLY B 1 5 ? 3.38862  3.42184   1.01258  1.000 6.70799  ? 56  GLY B CA  1 
ATOM   124 C C   . GLY B 1 5 ? 3.90449  3.87663   -0.31340 1.000 7.17489  ? 56  GLY B C   1 
ATOM   125 O O   . GLY B 1 5 ? 3.34848  3.48437   -1.36317 1.000 6.95418  ? 56  GLY B O   1 
ATOM   126 H H   . GLY B 1 5 ? 1.88827  2.58484   0.04504  1.000 7.89595  ? 56  GLY B H   1 
ATOM   127 H HA2 . GLY B 1 5 ? 3.25387  4.19886   1.57765  1.000 8.21839  ? 56  GLY B HA2 1 
ATOM   128 H HA3 . GLY B 1 5 ? 4.05194  2.84651   1.42501  1.000 8.21839  ? 56  GLY B HA3 1 
ATOM   129 N N   . ALA B 1 6 ? 4.92438  4.71159   -0.28432 1.000 7.20581  ? 57  ALA B N   1 
ATOM   130 C CA  . ALA B 1 6 ? 5.54063  5.30528   -1.46725 1.000 7.89021  ? 57  ALA B CA  1 
ATOM   131 C C   . ALA B 1 6 ? 6.86789  5.94357   -1.10129 1.000 8.51152  ? 57  ALA B C   1 
ATOM   132 O O   . ALA B 1 6 ? 7.13466  6.18441   0.08130  1.000 7.36513  ? 57  ALA B O   1 
ATOM   133 C CB  . ALA B 1 6 ? 4.60291  6.33510   -2.03570 1.000 7.42173  ? 57  ALA B CB  1 
ATOM   134 H H   . ALA B 1 6 ? 5.29999  4.96521   0.44625  1.000 8.81577  ? 57  ALA B H   1 
ATOM   135 H HA  . ALA B 1 6 ? 5.69658  4.61901   -2.13432 1.000 9.63705  ? 57  ALA B HA  1 
ATOM   136 H HB1 . ALA B 1 6 ? 5.01091  6.73363   -2.82056 1.000 9.07487  ? 57  ALA B HB1 1 
ATOM   137 H HB2 . ALA B 1 6 ? 3.76932  5.90263   -2.27896 1.000 9.07487  ? 57  ALA B HB2 1 
ATOM   138 H HB3 . ALA B 1 6 ? 4.43972  7.01741   -1.36518 1.000 9.07487  ? 57  ALA B HB3 1 
ATOM   139 N N   . SER B 1 7 ? 7.63468  6.22498   -2.13822 1.000 9.32798  ? 58  SER B N   1 
ATOM   140 C CA  A SER B 1 7 ? 8.94278  6.92153   -2.04524 0.500 10.10337 ? 58  SER B CA  1 
ATOM   141 C CA  B SER B 1 7 ? 8.87134  7.03116   -1.99290 0.500 10.32807 ? 58  SER B CA  1 
ATOM   142 C C   . SER B 1 7 ? 9.12579  7.82571   -3.26701 1.000 10.52361 ? 58  SER B C   1 
ATOM   143 O O   . SER B 1 7 ? 8.57564  7.49622   -4.33453 1.000 11.63056 ? 58  SER B O   1 
ATOM   144 C CB  A SER B 1 7 ? 10.06264 5.90312   -1.90046 0.500 11.13402 ? 58  SER B CB  1 
ATOM   145 C CB  B SER B 1 7 ? 10.03690 6.14779   -1.62941 0.500 11.97210 ? 58  SER B CB  1 
ATOM   146 O OG  A SER B 1 7 ? 11.30633 6.53402   -1.61192 0.500 11.14331 ? 58  SER B OG  1 
ATOM   147 O OG  B SER B 1 7 ? 10.38628 5.30476   -2.71425 0.500 12.47130 ? 58  SER B OG  1 
ATOM   148 O OXT . SER B 1 7 ? 9.86930  8.80687   -3.22855 1.000 10.64679 ? 58  SER B OXT 1 
ATOM   149 H H   A SER B 1 7 ? 7.42402  6.01993   -2.94685 0.500 11.36238 ? 58  SER B H   1 
ATOM   150 H H   B SER B 1 7 ? 7.47516  5.96885   -2.94327 0.500 11.36238 ? 58  SER B H   1 
ATOM   151 H HA  A SER B 1 7 ? 8.94604  7.48299   -1.25406 0.500 12.29283 ? 58  SER B HA  1 
ATOM   152 H HA  B SER B 1 7 ? 8.74570  7.66590   -1.27018 0.500 12.56247 ? 58  SER B HA  1 
ATOM   153 H HB2 A SER B 1 7 ? 9.84367  5.29675   -1.17630 0.500 13.52962 ? 58  SER B HB2 1 
ATOM   154 H HB2 B SER B 1 7 ? 10.79770 6.70562   -1.40451 0.500 14.53531 ? 58  SER B HB2 1 
ATOM   155 H HB3 A SER B 1 7 ? 10.14641 5.40915   -2.73069 0.500 13.52962 ? 58  SER B HB3 1 
ATOM   156 H HB3 B SER B 1 7 ? 9.79149  5.59806   -0.86792 0.500 14.53531 ? 58  SER B HB3 1 
HETATM 157 O O   . HOH C 2 . ? -7.19159 -11.20556 -0.06276 1.000 4.54662  ? 101 HOH A O   1 
HETATM 158 O O   . HOH C 2 . ? 5.48409  8.07792   -6.09322 1.000 13.49927 ? 102 HOH A O   1 
HETATM 159 O O   . HOH D 2 . ? 11.83452 7.06301   1.12383  1.000 21.91926 ? 101 HOH B O   1 
HETATM 160 O O   . HOH D 2 . ? 10.15923 5.43497   -5.60738 1.000 29.09256 ? 102 HOH B O   1 
HETATM 161 O O   . HOH D 2 . ? -3.29982 -6.22915  3.51733  1.000 13.96232 ? 103 HOH B O   1 
HETATM 162 O O   . HOH D 2 . ? -0.38293 -3.53522  7.14449  1.000 24.23517 ? 104 HOH B O   1 
HETATM 163 O O   . HOH D 2 . ? 6.89929  9.75021   -1.62676 1.000 32.46906 ? 105 HOH B O   1 
# 
loop_
_atom_site_anisotrop.id 
_atom_site_anisotrop.type_symbol 
_atom_site_anisotrop.pdbx_label_atom_id 
_atom_site_anisotrop.pdbx_label_alt_id 
_atom_site_anisotrop.pdbx_label_comp_id 
_atom_site_anisotrop.pdbx_label_asym_id 
_atom_site_anisotrop.pdbx_label_seq_id 
_atom_site_anisotrop.pdbx_PDB_ins_code 
_atom_site_anisotrop.U[1][1] 
_atom_site_anisotrop.U[2][2] 
_atom_site_anisotrop.U[3][3] 
_atom_site_anisotrop.U[1][2] 
_atom_site_anisotrop.U[1][3] 
_atom_site_anisotrop.U[2][3] 
_atom_site_anisotrop.pdbx_auth_seq_id 
_atom_site_anisotrop.pdbx_auth_comp_id 
_atom_site_anisotrop.pdbx_auth_asym_id 
_atom_site_anisotrop.pdbx_auth_atom_id 
1   N N   . GLY A 1 ? 0.10978 0.16019 0.07138 -0.07329 0.01902  -0.01470 52  GLY A N   
2   C CA  . GLY A 1 ? 0.09084 0.14604 0.06461 -0.06244 0.00633  -0.01854 52  GLY A CA  
3   C C   . GLY A 1 ? 0.05978 0.13664 0.04660 -0.04146 0.01033  -0.02466 52  GLY A C   
4   O O   . GLY A 1 ? 0.08060 0.14516 0.05675 -0.05564 0.01829  -0.02765 52  GLY A O   
7   N N   . GLY A 2 ? 0.04825 0.12783 0.03935 -0.03233 0.00288  -0.01357 53  GLY A N   
8   C CA  . GLY A 2 ? 0.06441 0.12386 0.04567 -0.01973 0.01685  0.00806  53  GLY A CA  
9   C C   . GLY A 2 ? 0.04125 0.13584 0.04127 -0.02323 -0.00325 0.00795  53  GLY A C   
10  O O   . GLY A 2 ? 0.06712 0.14038 0.05012 -0.03868 0.01381  -0.00635 53  GLY A O   
14  N N   . TYR A 3 ? 0.06181 0.11951 0.03576 -0.01670 0.01182  -0.00409 54  TYR A N   
15  C CA  . TYR A 3 ? 0.04956 0.13310 0.07158 -0.03488 -0.00538 0.00484  54  TYR A CA  
16  C C   . TYR A 3 ? 0.06435 0.14531 0.07447 -0.01460 -0.01235 -0.00278 54  TYR A C   
17  O O   . TYR A 3 ? 0.07858 0.13355 0.04342 -0.03876 0.00178  -0.01527 54  TYR A O   
18  C CB  . TYR A 3 ? 0.05750 0.12479 0.10497 -0.02108 0.01932  -0.00807 54  TYR A CB  
19  C CG  . TYR A 3 ? 0.09906 0.12258 0.13592 0.01030  0.05734  0.00054  54  TYR A CG  
20  C CD1 . TYR A 3 ? 0.10616 0.12548 0.11110 0.01042  0.02671  -0.00156 54  TYR A CD1 
21  C CD2 . TYR A 3 ? 0.08067 0.13344 0.13147 0.02510  0.05269  -0.00027 54  TYR A CD2 
22  C CE1 . TYR A 3 ? 0.09254 0.13313 0.12172 0.01192  0.01829  0.00948  54  TYR A CE1 
23  C CE2 . TYR A 3 ? 0.05016 0.14508 0.12905 0.02485  0.01401  0.00664  54  TYR A CE2 
24  C CZ  . TYR A 3 ? 0.06156 0.14501 0.12395 0.03568  -0.00572 0.01457  54  TYR A CZ  
25  O OH  . TYR A 3 ? 0.06972 0.15206 0.14972 0.01871  -0.03642 0.02396  54  TYR A OH  
34  N N   . ALA A 4 ? 0.06748 0.14756 0.07013 -0.02580 -0.01613 -0.00450 55  ALA A N   
35  C CA  . ALA A 4 ? 0.04777 0.14585 0.04353 -0.02086 -0.00686 0.00493  55  ALA A CA  
36  C C   . ALA A 4 ? 0.06130 0.12964 0.06264 -0.03534 -0.01490 -0.00688 55  ALA A C   
37  O O   . ALA A 4 ? 0.08786 0.13818 0.05315 -0.05311 -0.00074 -0.01667 55  ALA A O   
38  C CB  . ALA A 4 ? 0.05432 0.13653 0.07435 -0.03190 0.00106  -0.00903 55  ALA A CB  
44  N N   . GLY A 5 ? 0.05557 0.12925 0.05772 -0.04113 0.00467  -0.00836 56  GLY A N   
45  C CA  . GLY A 5 ? 0.03743 0.11554 0.06143 -0.02306 0.00305  0.00518  56  GLY A CA  
46  C C   . GLY A 5 ? 0.05720 0.12691 0.06931 -0.02812 0.00341  -0.00694 56  GLY A C   
47  O O   . GLY A 5 ? 0.07143 0.11809 0.06651 -0.05024 0.00395  -0.01620 56  GLY A O   
51  N N   . ALA A 6 ? 0.06203 0.13564 0.05215 -0.03975 -0.00865 -0.00379 57  ALA A N   
52  C CA  . ALA A 6 ? 0.05736 0.16928 0.05855 -0.03766 -0.00401 0.00326  57  ALA A CA  
53  C C   . ALA A 6 ? 0.08637 0.17349 0.07678 -0.05667 -0.00331 -0.02294 57  ALA A C   
54  O O   . ALA A 6 ? 0.13479 0.17491 0.06869 -0.08693 0.01931  -0.02611 57  ALA A O   
55  C CB  . ALA A 6 ? 0.07513 0.16679 0.09601 -0.04713 0.01621  -0.01130 57  ALA A CB  
61  N N   . SER A 7 ? 0.12112 0.19718 0.07916 -0.05180 -0.00051 -0.00821 58  SER A N   
62  C CA  A SER A 7 ? 0.12921 0.19850 0.09833 -0.05472 0.01367  -0.00614 58  SER A CA  
63  C CA  B SER A 7 ? 0.11351 0.20046 0.09320 -0.04611 0.01366  0.00171  58  SER A CA  
64  C C   . SER A 7 ? 0.13522 0.20358 0.10124 -0.06457 0.03072  -0.00198 58  SER A C   
65  O O   . SER A 7 ? 0.13554 0.19497 0.10430 -0.07522 0.04174  -0.01431 58  SER A O   
66  C CB  A SER A 7 ? 0.17011 0.19831 0.13542 -0.03654 0.02067  -0.01378 58  SER A CB  
67  C CB  B SER A 7 ? 0.12719 0.20324 0.12236 -0.01053 0.02023  0.00913  58  SER A CB  
68  O OG  A SER A 7 ? 0.20823 0.20012 0.16558 -0.02990 0.03517  -0.02395 58  SER A OG  
69  O OG  B SER A 7 ? 0.14317 0.21001 0.14320 0.01721  0.03548  0.01434  58  SER A OG  
70  O OXT . SER A 7 ? 0.11034 0.20814 0.09859 -0.07139 0.02433  -0.00394 58  SER A OXT 
79  N N   . GLY B 1 ? 0.05969 0.12740 0.06675 -0.03119 -0.00065 -0.01455 52  GLY B N   
80  C CA  . GLY B 1 ? 0.04447 0.13629 0.06421 -0.00658 -0.01670 -0.00543 52  GLY B CA  
81  C C   . GLY B 1 ? 0.03957 0.13463 0.07528 -0.01430 -0.00570 -0.01955 52  GLY B C   
82  O O   . GLY B 1 ? 0.06705 0.14854 0.06195 -0.02059 0.00319  -0.03837 52  GLY B O   
85  N N   . GLY B 2 ? 0.04443 0.13057 0.04018 -0.02869 0.00533  -0.01835 53  GLY B N   
86  C CA  . GLY B 2 ? 0.08830 0.12278 0.06756 -0.02350 0.03875  -0.01976 53  GLY B CA  
87  C C   . GLY B 2 ? 0.07614 0.12200 0.04985 -0.04212 0.02036  -0.02053 53  GLY B C   
88  O O   . GLY B 2 ? 0.07609 0.13945 0.05341 -0.03865 0.01916  -0.00650 53  GLY B O   
92  N N   . TYR B 3 ? 0.06770 0.11593 0.04786 -0.04226 0.01784  -0.02134 54  TYR B N   
93  C CA  . TYR B 3 ? 0.05577 0.11119 0.06809 -0.03981 0.01172  -0.02048 54  TYR B CA  
94  C C   . TYR B 3 ? 0.07166 0.12707 0.05888 -0.04321 0.02317  -0.02764 54  TYR B C   
95  O O   . TYR B 3 ? 0.07695 0.12099 0.05519 -0.05239 0.02136  -0.03260 54  TYR B O   
96  C CB  . TYR B 3 ? 0.04009 0.10625 0.07911 -0.02821 0.00557  -0.00460 54  TYR B CB  
97  C CG  . TYR B 3 ? 0.04805 0.12529 0.04798 -0.02982 0.00829  -0.00124 54  TYR B CG  
98  C CD1 . TYR B 3 ? 0.06713 0.12868 0.08778 -0.01571 0.00918  -0.02055 54  TYR B CD1 
99  C CD2 . TYR B 3 ? 0.05761 0.12402 0.07032 -0.01653 0.00519  -0.01254 54  TYR B CD2 
100 C CE1 . TYR B 3 ? 0.06330 0.13675 0.12373 0.00450  -0.01307 -0.01469 54  TYR B CE1 
101 C CE2 . TYR B 3 ? 0.07796 0.12805 0.10961 -0.00807 0.01568  -0.01455 54  TYR B CE2 
102 C CZ  . TYR B 3 ? 0.05863 0.13848 0.12264 0.00426  0.00267  -0.01822 54  TYR B CZ  
103 O OH  . TYR B 3 ? 0.08047 0.16171 0.11480 0.03753  0.00229  -0.02433 54  TYR B OH  
112 N N   . ALA B 4 ? 0.06069 0.14508 0.06809 -0.04169 0.00239  -0.02261 55  ALA B N   
113 C CA  . ALA B 4 ? 0.07078 0.14012 0.09278 -0.03711 0.03340  -0.02447 55  ALA B CA  
114 C C   . ALA B 4 ? 0.05787 0.14310 0.09070 -0.03943 0.01279  -0.02598 55  ALA B C   
115 O O   . ALA B 4 ? 0.07698 0.16298 0.08858 -0.05585 0.01306  -0.02549 55  ALA B O   
116 C CB  . ALA B 4 ? 0.06091 0.15090 0.11448 -0.02423 0.01012  -0.03159 55  ALA B CB  
122 N N   . GLY B 5 ? 0.04810 0.12958 0.06699 -0.01643 -0.00029 -0.03177 56  GLY B N   
123 C CA  . GLY B 5 ? 0.04971 0.10056 0.10461 -0.02254 0.00007  -0.04135 56  GLY B CA  
124 C C   . GLY B 5 ? 0.04932 0.12671 0.09660 -0.00695 -0.00327 -0.04199 56  GLY B C   
125 O O   . GLY B 5 ? 0.05534 0.14639 0.06249 -0.02492 -0.01111 -0.01723 56  GLY B O   
129 N N   . ALA B 6 ? 0.06489 0.11461 0.09427 -0.03042 0.00087  -0.04671 57  ALA B N   
130 C CA  . ALA B 6 ? 0.07017 0.13547 0.09416 -0.03880 0.01498  -0.03137 57  ALA B CA  
131 C C   . ALA B 6 ? 0.07813 0.14744 0.09782 -0.05303 0.01079  -0.03674 57  ALA B C   
132 O O   . ALA B 6 ? 0.06122 0.14263 0.07600 -0.04233 0.01116  -0.03133 57  ALA B O   
133 C CB  . ALA B 6 ? 0.04394 0.13224 0.10581 -0.01293 -0.02188 -0.01237 57  ALA B CB  
139 N N   . SER B 7 ? 0.07690 0.19903 0.07849 -0.05359 0.01151  -0.03159 58  SER B N   
140 C CA  A SER B 7 ? 0.06659 0.21060 0.10668 -0.03875 -0.00389 -0.01663 58  SER B CA  
141 C CA  B SER B 7 ? 0.07086 0.21182 0.10974 -0.03764 0.01626  -0.02991 58  SER B CA  
142 C C   . SER B 7 ? 0.06619 0.22042 0.11324 -0.03165 -0.00937 -0.01668 58  SER B C   
143 O O   . SER B 7 ? 0.09324 0.24683 0.10185 -0.04638 -0.02421 -0.00153 58  SER B O   
144 C CB  A SER B 7 ? 0.07236 0.23702 0.11366 -0.02423 -0.01081 0.00076  58  SER B CB  
145 C CB  B SER B 7 ? 0.11572 0.20868 0.13049 -0.00564 0.05326  -0.03338 58  SER B CB  
146 O OG  A SER B 7 ? 0.06920 0.23985 0.11435 -0.01792 -0.01981 0.01395  58  SER B OG  
147 O OG  B SER B 7 ? 0.13503 0.19533 0.14349 0.00702  0.07217  -0.04205 58  SER B OG  
148 O OXT . SER B 7 ? 0.07428 0.20343 0.12682 -0.05013 0.00205  -0.02446 58  SER B OXT 
157 O O   . HOH C . ? 0.04000 0.08169 0.05108 0.02329  -0.01637 -0.03207 101 HOH A O   
158 O O   . HOH C . ? 0.15055 0.15347 0.20888 -0.01255 -0.02942 0.01416  102 HOH A O   
159 O O   . HOH D . ? 0.21423 0.25121 0.36739 0.09395  -0.06297 -0.13991 101 HOH B O   
160 O O   . HOH D . ? 0.36592 0.43685 0.30261 -0.07177 0.01252  -0.12645 102 HOH B O   
161 O O   . HOH D . ? 0.15374 0.16016 0.21662 0.03429  0.10166  0.01741  103 HOH B O   
162 O O   . HOH D . ? 0.52059 0.24170 0.15854 0.18034  -0.03528 -0.01691 104 HOH B O   
163 O O   . HOH D . ? 0.34264 0.37792 0.51312 0.16515  -0.14004 -0.19493 105 HOH B O   
# 
